data_3OS1
#
_entry.id   3OS1
#
_cell.length_a   159.882
_cell.length_b   159.882
_cell.length_c   127.842
_cell.angle_alpha   90.00
_cell.angle_beta   90.00
_cell.angle_gamma   90.00
#
_symmetry.space_group_name_H-M   'P 41 21 2'
#
loop_
_entity.id
_entity.type
_entity.pdbx_description
1 polymer Integrase
2 polymer "DNA (5'-D(*AP*TP*TP*GP*TP*CP*AP*TP*GP*GP*AP*AP*TP*TP*TP*CP*GP*CP*A)-3')"
3 polymer "DNA (5'-D(*TP*GP*CP*GP*AP*AP*AP*TP*TP*CP*CP*AP*TP*GP*AP*CP*(2DA))-3')"
4 polymer "DNA (5'-D(*CP*CP*CP*GP*AP*GP*GP*CP*AP*CP*GP*TP*GP*CP*TP*AP*GP*CP*AP*CP*GP*TP*GP*CP*CP*TP*CP*GP*GP*G)-3')"
5 non-polymer 'ZINC ION'
6 non-polymer 'MAGNESIUM ION'
7 non-polymer 'SULFATE ION'
#
loop_
_entity_poly.entity_id
_entity_poly.type
_entity_poly.pdbx_seq_one_letter_code
_entity_poly.pdbx_strand_id
1 'polypeptide(L)'
;GPGCNTKKPNLDAELDQLLQGHYIKGYPKQYTYFLEDGKVKVSRPEGVKIIPPQSDRQKIVLQAHNLAHTGREATLLKIA
NLYWWPNMRKDVVKQLGRCQQCLITNASNKASGPILRPDRPQKPFDKFFIDYIGPLPPSQGYLYVLVVVDGMTGFTWLYP
TKAPSTSATVKSLNVLTSIAIPKVIHSDQGAAFTSSTFAEWAKERGIHLEFSTPYHPQSSGKVERKNSDIKRLLTKLLVG
RPTKWYDLLPVVQLALNNTYSPVLKYTPHQLLFGIDSNTPFANQDTLDLTREEELSLLQEIRTSLYHPSTPPASSRSWSP
VVGQLVQERVARPASLRPRWHKPSTVLKVLNPRTVVILDHLGNNRTVSIDNLKPTSHQNGTTNDTATMDHLEKNE
;
A,B
2 'polydeoxyribonucleotide' (DA)(DT)(DT)(DG)(DT)(DC)(DA)(DT)(DG)(DG)(DA)(DA)(DT)(DT)(DT)(DC)(DG)(DC)(DA) C
3 'polydeoxyribonucleotide' (DT)(DG)(DC)(DG)(DA)(DA)(DA)(DT)(DT)(DC)(DC)(DA)(DT)(DG)(DA)(DC)(2DA) D
4 'polydeoxyribonucleotide'
;(DC)(DC)(DC)(DG)(DA)(DG)(DG)(DC)(DA)(DC)(DG)(DT)(DG)(DC)(DT)(DA)(DG)(DC)(DA)(DC)
(DG)(DT)(DG)(DC)(DC)(DT)(DC)(DG)(DG)(DG)
;
T
#
# COMPACT_ATOMS: atom_id res chain seq x y z
N ALA A 13 -37.72 -42.88 31.42
CA ALA A 13 -38.24 -42.49 32.75
C ALA A 13 -37.24 -42.80 33.87
N GLU A 14 -36.13 -42.06 33.90
CA GLU A 14 -35.14 -42.21 34.97
C GLU A 14 -35.44 -41.24 36.12
N LEU A 15 -35.60 -39.96 35.78
CA LEU A 15 -36.10 -38.96 36.71
C LEU A 15 -37.61 -38.92 36.55
N ASP A 16 -38.28 -39.90 37.15
CA ASP A 16 -39.73 -40.00 37.14
C ASP A 16 -40.26 -39.81 38.55
N GLN A 17 -39.34 -39.63 39.50
CA GLN A 17 -39.71 -39.40 40.88
C GLN A 17 -40.72 -38.26 41.01
N LEU A 18 -40.74 -37.38 40.00
CA LEU A 18 -41.71 -36.28 39.91
C LEU A 18 -43.14 -36.78 39.92
N LEU A 19 -43.37 -37.89 39.20
CA LEU A 19 -44.68 -38.55 39.17
C LEU A 19 -45.16 -38.98 40.56
N GLN A 20 -44.22 -39.30 41.43
CA GLN A 20 -44.53 -39.64 42.82
C GLN A 20 -44.27 -38.46 43.78
N GLY A 21 -44.39 -37.24 43.25
CA GLY A 21 -44.31 -36.02 44.05
C GLY A 21 -42.95 -35.64 44.62
N HIS A 22 -41.89 -36.28 44.15
CA HIS A 22 -40.54 -35.93 44.59
C HIS A 22 -40.04 -34.69 43.86
N TYR A 23 -39.11 -33.97 44.49
CA TYR A 23 -38.48 -32.82 43.87
C TYR A 23 -37.20 -33.22 43.14
N ILE A 24 -36.99 -32.67 41.95
CA ILE A 24 -35.74 -32.84 41.20
C ILE A 24 -35.22 -31.46 40.75
N LYS A 25 -33.97 -31.15 41.11
CA LYS A 25 -33.38 -29.81 40.89
C LYS A 25 -33.59 -29.28 39.48
N GLY A 26 -34.19 -28.10 39.37
CA GLY A 26 -34.45 -27.45 38.09
C GLY A 26 -35.89 -27.54 37.62
N TYR A 27 -36.64 -28.47 38.21
CA TYR A 27 -38.05 -28.69 37.88
C TYR A 27 -39.00 -28.01 38.86
N PRO A 28 -39.70 -26.94 38.42
CA PRO A 28 -40.65 -26.22 39.26
C PRO A 28 -41.63 -27.17 39.95
N LYS A 29 -41.96 -26.87 41.21
CA LYS A 29 -42.78 -27.77 42.00
C LYS A 29 -44.25 -27.37 41.98
N GLN A 30 -44.51 -26.08 41.74
CA GLN A 30 -45.88 -25.55 41.70
C GLN A 30 -46.73 -26.12 40.56
N TYR A 31 -46.07 -26.79 39.61
CA TYR A 31 -46.75 -27.47 38.51
C TYR A 31 -47.04 -28.92 38.85
N THR A 32 -47.96 -29.51 38.09
CA THR A 32 -48.33 -30.90 38.29
C THR A 32 -47.92 -31.76 37.09
N TYR A 33 -47.18 -32.83 37.38
CA TYR A 33 -46.65 -33.71 36.35
C TYR A 33 -47.34 -35.08 36.37
N PHE A 34 -48.14 -35.37 35.34
CA PHE A 34 -48.89 -36.63 35.29
C PHE A 34 -48.40 -37.57 34.19
N LEU A 35 -49.17 -38.63 33.94
CA LEU A 35 -48.82 -39.61 32.92
C LEU A 35 -50.03 -40.00 32.06
N GLU A 36 -49.88 -39.81 30.75
CA GLU A 36 -50.86 -40.25 29.75
C GLU A 36 -50.13 -40.73 28.50
N ASP A 37 -50.79 -41.60 27.73
CA ASP A 37 -50.25 -42.16 26.48
C ASP A 37 -48.97 -42.99 26.64
N GLY A 38 -48.37 -42.95 27.82
CA GLY A 38 -47.06 -43.55 28.06
C GLY A 38 -45.96 -42.49 28.05
N LYS A 39 -46.33 -41.27 28.39
CA LYS A 39 -45.42 -40.13 28.39
C LYS A 39 -45.62 -39.29 29.65
N VAL A 40 -44.53 -38.68 30.14
CA VAL A 40 -44.61 -37.77 31.28
C VAL A 40 -44.94 -36.37 30.78
N LYS A 41 -46.10 -35.86 31.20
CA LYS A 41 -46.60 -34.58 30.71
C LYS A 41 -46.59 -33.49 31.81
N VAL A 42 -46.85 -32.25 31.41
CA VAL A 42 -46.88 -31.13 32.34
C VAL A 42 -47.94 -30.08 31.94
N SER A 43 -48.76 -29.70 32.92
CA SER A 43 -49.76 -28.65 32.73
C SER A 43 -49.06 -27.30 32.77
N ARG A 44 -49.18 -26.52 31.69
CA ARG A 44 -48.42 -25.28 31.56
C ARG A 44 -49.26 -24.10 31.06
N PRO A 45 -48.85 -22.86 31.42
CA PRO A 45 -49.44 -21.65 30.86
C PRO A 45 -49.64 -21.77 29.36
N GLU A 46 -48.57 -22.13 28.64
CA GLU A 46 -48.62 -22.35 27.19
C GLU A 46 -49.64 -23.42 26.74
N GLY A 47 -49.78 -24.49 27.53
CA GLY A 47 -50.63 -25.64 27.21
C GLY A 47 -50.09 -26.88 27.91
N VAL A 48 -50.46 -28.07 27.44
CA VAL A 48 -49.86 -29.29 28.00
C VAL A 48 -48.68 -29.75 27.16
N LYS A 49 -47.53 -29.92 27.81
CA LYS A 49 -46.29 -30.28 27.14
C LYS A 49 -45.76 -31.63 27.61
N ILE A 50 -44.81 -32.19 26.86
CA ILE A 50 -44.24 -33.48 27.15
C ILE A 50 -42.79 -33.35 27.61
N ILE A 51 -42.44 -34.07 28.66
CA ILE A 51 -41.07 -34.04 29.18
C ILE A 51 -40.35 -35.34 28.84
N PRO A 52 -39.37 -35.27 27.92
CA PRO A 52 -38.63 -36.46 27.54
C PRO A 52 -37.46 -36.73 28.48
N PRO A 53 -37.15 -38.01 28.69
CA PRO A 53 -35.98 -38.42 29.48
C PRO A 53 -34.72 -37.79 28.90
N GLN A 54 -33.76 -37.47 29.77
CA GLN A 54 -32.51 -36.82 29.36
C GLN A 54 -31.91 -37.44 28.08
N SER A 55 -31.95 -38.76 27.99
CA SER A 55 -31.36 -39.50 26.85
C SER A 55 -31.98 -39.14 25.50
N ASP A 56 -33.29 -38.91 25.50
CA ASP A 56 -34.03 -38.59 24.27
C ASP A 56 -33.94 -37.13 23.83
N ARG A 57 -33.33 -36.30 24.66
CA ARG A 57 -33.35 -34.87 24.42
C ARG A 57 -32.38 -34.44 23.32
N GLN A 58 -31.12 -34.87 23.43
CA GLN A 58 -30.15 -34.56 22.39
C GLN A 58 -30.78 -34.81 21.03
N LYS A 59 -31.39 -36.00 20.89
CA LYS A 59 -32.02 -36.42 19.64
C LYS A 59 -33.12 -35.47 19.16
N ILE A 60 -34.01 -35.09 20.07
CA ILE A 60 -35.14 -34.23 19.74
C ILE A 60 -34.67 -32.87 19.25
N VAL A 61 -33.80 -32.24 20.04
CA VAL A 61 -33.23 -30.94 19.73
C VAL A 61 -32.60 -30.97 18.35
N LEU A 62 -31.91 -32.07 18.06
CA LEU A 62 -31.33 -32.28 16.76
C LEU A 62 -32.42 -32.29 15.69
N GLN A 63 -33.43 -33.15 15.85
CA GLN A 63 -34.49 -33.29 14.86
C GLN A 63 -35.14 -31.97 14.52
N ALA A 64 -35.49 -31.21 15.54
CA ALA A 64 -36.10 -29.91 15.37
C ALA A 64 -35.18 -28.99 14.58
N HIS A 65 -33.94 -28.84 15.04
CA HIS A 65 -33.00 -27.95 14.41
C HIS A 65 -32.81 -28.33 12.95
N ASN A 66 -32.59 -29.60 12.69
CA ASN A 66 -32.29 -30.07 11.34
C ASN A 66 -33.37 -29.82 10.30
N LEU A 67 -34.56 -29.43 10.77
CA LEU A 67 -35.68 -29.12 9.88
C LEU A 67 -35.34 -28.01 8.93
N ALA A 68 -34.73 -26.96 9.45
CA ALA A 68 -34.28 -25.85 8.61
C ALA A 68 -32.95 -25.26 9.09
N HIS A 69 -32.21 -26.06 9.87
CA HIS A 69 -30.95 -25.64 10.45
C HIS A 69 -31.10 -24.25 11.04
N THR A 70 -32.12 -24.13 11.87
CA THR A 70 -32.54 -22.88 12.47
C THR A 70 -31.61 -22.50 13.60
N GLY A 71 -31.44 -21.21 13.85
CA GLY A 71 -30.68 -20.71 14.99
C GLY A 71 -31.38 -20.95 16.31
N ARG A 72 -30.94 -20.24 17.37
CA ARG A 72 -31.39 -20.52 18.74
C ARG A 72 -32.90 -20.51 18.91
N GLU A 73 -33.48 -19.34 18.76
CA GLU A 73 -34.88 -19.14 19.08
C GLU A 73 -35.77 -19.98 18.18
N ALA A 74 -35.63 -19.79 16.86
CA ALA A 74 -36.39 -20.57 15.88
C ALA A 74 -36.36 -22.07 16.17
N THR A 75 -35.24 -22.56 16.69
CA THR A 75 -35.14 -23.97 17.07
C THR A 75 -35.94 -24.26 18.33
N LEU A 76 -35.75 -23.41 19.34
CA LEU A 76 -36.47 -23.57 20.60
C LEU A 76 -37.99 -23.64 20.35
N LEU A 77 -38.51 -22.62 19.67
CA LEU A 77 -39.94 -22.48 19.40
C LEU A 77 -40.54 -23.75 18.80
N LYS A 78 -39.86 -24.31 17.79
CA LYS A 78 -40.28 -25.56 17.18
C LYS A 78 -40.49 -26.62 18.25
N ILE A 79 -39.52 -26.75 19.16
CA ILE A 79 -39.59 -27.75 20.20
C ILE A 79 -40.68 -27.41 21.20
N ALA A 80 -40.82 -26.12 21.52
CA ALA A 80 -41.83 -25.65 22.48
C ALA A 80 -43.23 -26.20 22.17
N ASN A 81 -43.52 -26.39 20.89
CA ASN A 81 -44.84 -26.86 20.46
C ASN A 81 -45.30 -28.16 21.10
N LEU A 82 -44.35 -29.04 21.41
CA LEU A 82 -44.70 -30.33 21.99
C LEU A 82 -44.10 -30.51 23.37
N TYR A 83 -42.87 -30.02 23.56
CA TYR A 83 -42.11 -30.34 24.75
C TYR A 83 -41.80 -29.17 25.69
N TRP A 84 -41.55 -29.51 26.95
CA TRP A 84 -40.89 -28.63 27.91
C TRP A 84 -39.90 -29.44 28.76
N TRP A 85 -38.74 -28.83 29.03
CA TRP A 85 -37.83 -29.28 30.06
C TRP A 85 -36.98 -28.11 30.59
N PRO A 86 -36.30 -28.30 31.74
CA PRO A 86 -35.54 -27.16 32.26
C PRO A 86 -34.37 -26.82 31.34
N ASN A 87 -34.20 -25.52 31.09
CA ASN A 87 -33.07 -25.00 30.31
C ASN A 87 -32.93 -25.69 28.98
N MET A 88 -33.96 -25.53 28.16
CA MET A 88 -33.98 -26.11 26.83
C MET A 88 -32.93 -25.42 25.95
N ARG A 89 -32.85 -24.10 26.08
CA ARG A 89 -31.92 -23.31 25.28
C ARG A 89 -30.47 -23.71 25.53
N LYS A 90 -30.19 -24.19 26.74
CA LYS A 90 -28.86 -24.68 27.06
C LYS A 90 -28.55 -25.96 26.26
N ASP A 91 -29.54 -26.83 26.14
CA ASP A 91 -29.42 -28.02 25.30
C ASP A 91 -29.40 -27.65 23.82
N VAL A 92 -30.11 -26.57 23.46
CA VAL A 92 -30.20 -26.12 22.09
C VAL A 92 -28.88 -25.54 21.64
N VAL A 93 -28.30 -24.64 22.42
CA VAL A 93 -27.04 -24.03 22.02
C VAL A 93 -25.92 -25.05 21.93
N LYS A 94 -25.97 -26.06 22.79
CA LYS A 94 -25.05 -27.21 22.72
C LYS A 94 -25.00 -27.78 21.31
N GLN A 95 -26.17 -28.01 20.71
CA GLN A 95 -26.26 -28.57 19.36
C GLN A 95 -25.82 -27.61 18.26
N LEU A 96 -26.14 -26.33 18.42
CA LEU A 96 -25.80 -25.33 17.41
C LEU A 96 -24.30 -25.20 17.31
N GLY A 97 -23.62 -25.30 18.45
CA GLY A 97 -22.17 -25.31 18.49
C GLY A 97 -21.59 -26.57 17.88
N ARG A 98 -22.44 -27.57 17.65
CA ARG A 98 -21.98 -28.86 17.12
C ARG A 98 -22.41 -29.16 15.69
N CYS A 99 -23.28 -28.33 15.12
CA CYS A 99 -23.71 -28.52 13.74
C CYS A 99 -22.69 -27.93 12.78
N GLN A 100 -21.97 -28.81 12.10
CA GLN A 100 -20.89 -28.38 11.23
C GLN A 100 -21.41 -27.42 10.15
N GLN A 101 -22.56 -27.74 9.54
CA GLN A 101 -23.10 -26.95 8.45
C GLN A 101 -23.52 -25.55 8.87
N CYS A 102 -24.12 -25.43 10.05
CA CYS A 102 -24.50 -24.11 10.53
C CYS A 102 -23.28 -23.27 10.87
N LEU A 103 -22.27 -23.89 11.47
CA LEU A 103 -21.08 -23.16 11.87
C LEU A 103 -20.34 -22.57 10.67
N ILE A 104 -20.32 -23.32 9.57
CA ILE A 104 -19.59 -22.91 8.38
C ILE A 104 -20.40 -22.17 7.30
N THR A 105 -21.72 -22.07 7.48
CA THR A 105 -22.56 -21.38 6.48
C THR A 105 -23.21 -20.09 6.96
N ASN A 106 -23.53 -20.03 8.25
CA ASN A 106 -24.16 -18.83 8.83
C ASN A 106 -23.27 -17.60 8.83
N ALA A 107 -23.90 -16.44 8.73
CA ALA A 107 -23.21 -15.17 8.85
C ALA A 107 -22.89 -14.90 10.32
N SER A 108 -21.96 -13.97 10.58
CA SER A 108 -21.70 -13.53 11.94
C SER A 108 -22.50 -12.28 12.22
N ASN A 109 -22.80 -12.03 13.49
CA ASN A 109 -23.49 -10.79 13.87
C ASN A 109 -22.61 -9.97 14.80
N LYS A 110 -21.30 -10.20 14.74
CA LYS A 110 -20.31 -9.46 15.53
C LYS A 110 -19.38 -8.69 14.58
N ALA A 111 -19.26 -7.39 14.78
CA ALA A 111 -18.43 -6.56 13.91
C ALA A 111 -16.96 -6.71 14.23
N SER A 112 -16.08 -6.38 13.29
CA SER A 112 -14.66 -6.27 13.57
C SER A 112 -14.41 -5.21 14.63
N GLY A 113 -13.32 -5.37 15.38
CA GLY A 113 -12.85 -4.32 16.29
C GLY A 113 -12.51 -3.08 15.49
N PRO A 114 -12.46 -1.92 16.15
CA PRO A 114 -12.20 -0.66 15.46
C PRO A 114 -10.83 -0.65 14.80
N ILE A 115 -10.68 0.07 13.70
CA ILE A 115 -9.45 0.03 12.90
C ILE A 115 -8.24 0.65 13.59
N LEU A 116 -7.06 0.11 13.31
CA LEU A 116 -5.81 0.70 13.74
C LEU A 116 -5.44 1.81 12.77
N ARG A 117 -4.89 2.90 13.27
CA ARG A 117 -4.32 3.88 12.36
C ARG A 117 -2.81 3.91 12.57
N PRO A 118 -2.07 3.12 11.77
CA PRO A 118 -0.60 3.04 11.88
C PRO A 118 0.04 4.40 11.81
N ASP A 119 1.17 4.52 12.48
CA ASP A 119 1.91 5.76 12.50
C ASP A 119 2.39 6.01 11.08
N ARG A 120 2.24 7.26 10.64
CA ARG A 120 2.80 7.70 9.37
C ARG A 120 4.31 7.46 9.38
N PRO A 121 4.83 6.78 8.34
CA PRO A 121 6.28 6.62 8.20
C PRO A 121 7.01 7.90 8.58
N GLN A 122 8.04 7.77 9.41
CA GLN A 122 8.75 8.93 9.97
C GLN A 122 9.37 9.85 8.93
N LYS A 123 10.16 9.29 8.02
CA LYS A 123 10.86 10.05 6.97
C LYS A 123 10.49 9.55 5.58
N PRO A 124 10.63 10.41 4.54
CA PRO A 124 10.55 9.90 3.18
C PRO A 124 11.47 8.71 3.01
N PHE A 125 10.96 7.69 2.32
CA PHE A 125 11.71 6.49 2.00
C PHE A 125 11.81 5.48 3.17
N ASP A 126 11.15 5.77 4.29
CA ASP A 126 10.95 4.74 5.31
C ASP A 126 10.11 3.62 4.70
N LYS A 127 8.99 4.00 4.09
CA LYS A 127 8.10 3.03 3.52
C LYS A 127 7.57 3.42 2.15
N PHE A 128 7.61 2.44 1.24
CA PHE A 128 6.85 2.50 0.01
C PHE A 128 5.65 1.58 0.13
N PHE A 129 4.54 2.02 -0.43
CA PHE A 129 3.40 1.15 -0.70
C PHE A 129 3.26 0.99 -2.21
N ILE A 130 3.15 -0.25 -2.69
CA ILE A 130 2.98 -0.50 -4.12
C ILE A 130 1.76 -1.37 -4.46
N ASP A 131 1.20 -1.12 -5.64
CA ASP A 131 0.04 -1.86 -6.14
C ASP A 131 -0.08 -1.63 -7.64
N TYR A 132 -0.84 -2.50 -8.31
CA TYR A 132 -1.16 -2.30 -9.72
C TYR A 132 -2.62 -1.92 -9.94
N ILE A 133 -2.81 -0.80 -10.65
CA ILE A 133 -4.10 -0.43 -11.21
C ILE A 133 -4.26 -1.18 -12.53
N GLY A 134 -5.30 -1.99 -12.65
CA GLY A 134 -5.64 -2.61 -13.94
C GLY A 134 -6.24 -4.01 -13.92
N PRO A 135 -6.58 -4.55 -15.10
CA PRO A 135 -6.32 -4.04 -16.45
C PRO A 135 -7.17 -2.84 -16.83
N LEU A 136 -6.62 -2.01 -17.71
CA LEU A 136 -7.32 -0.83 -18.19
C LEU A 136 -7.62 -0.99 -19.68
N PRO A 137 -8.38 -0.05 -20.27
CA PRO A 137 -8.57 -0.16 -21.71
C PRO A 137 -7.24 0.16 -22.40
N PRO A 138 -6.76 -0.73 -23.29
CA PRO A 138 -5.44 -0.62 -23.93
C PRO A 138 -5.12 0.79 -24.33
N SER A 139 -3.90 1.20 -24.03
CA SER A 139 -3.37 2.46 -24.53
C SER A 139 -1.92 2.21 -24.91
N GLN A 140 -1.55 2.62 -26.13
CA GLN A 140 -0.22 2.36 -26.71
C GLN A 140 0.28 0.95 -26.39
N GLY A 141 -0.65 0.00 -26.30
CA GLY A 141 -0.31 -1.38 -25.96
C GLY A 141 -0.12 -1.67 -24.48
N TYR A 142 -0.29 -0.66 -23.63
CA TYR A 142 -0.14 -0.84 -22.19
C TYR A 142 -1.48 -1.13 -21.51
N LEU A 143 -1.44 -1.86 -20.40
CA LEU A 143 -2.66 -2.31 -19.75
C LEU A 143 -2.72 -2.08 -18.24
N TYR A 144 -1.58 -1.81 -17.61
CA TYR A 144 -1.56 -1.70 -16.16
C TYR A 144 -0.76 -0.49 -15.75
N VAL A 145 -0.99 -0.03 -14.53
CA VAL A 145 -0.14 0.98 -13.94
C VAL A 145 0.40 0.47 -12.61
N LEU A 146 1.72 0.57 -12.44
CA LEU A 146 2.38 0.32 -11.16
C LEU A 146 2.42 1.63 -10.44
N VAL A 147 1.82 1.65 -9.26
CA VAL A 147 1.68 2.87 -8.50
C VAL A 147 2.58 2.74 -7.29
N VAL A 148 3.59 3.59 -7.21
CA VAL A 148 4.42 3.60 -6.02
C VAL A 148 4.18 4.87 -5.23
N VAL A 149 3.67 4.70 -4.02
CA VAL A 149 3.39 5.82 -3.13
C VAL A 149 4.33 5.77 -1.95
N ASP A 150 5.02 6.87 -1.69
CA ASP A 150 5.80 6.99 -0.46
C ASP A 150 4.93 7.33 0.75
N GLY A 151 5.02 6.49 1.78
CA GLY A 151 4.17 6.61 2.96
C GLY A 151 4.21 7.93 3.73
N MET A 152 5.41 8.48 3.90
CA MET A 152 5.53 9.72 4.65
C MET A 152 4.83 10.86 3.92
N THR A 153 5.25 11.10 2.67
CA THR A 153 4.84 12.29 1.92
C THR A 153 3.51 12.08 1.21
N GLY A 154 3.30 10.87 0.72
CA GLY A 154 2.21 10.65 -0.22
C GLY A 154 2.70 10.77 -1.66
N PHE A 155 3.94 11.23 -1.87
CA PHE A 155 4.51 11.34 -3.20
C PHE A 155 4.27 10.04 -3.95
N THR A 156 3.92 10.14 -5.23
CA THR A 156 3.53 8.99 -6.01
C THR A 156 4.23 8.96 -7.34
N TRP A 157 4.74 7.79 -7.71
CA TRP A 157 5.34 7.54 -9.01
C TRP A 157 4.47 6.54 -9.73
N LEU A 158 4.21 6.80 -11.01
CA LEU A 158 3.34 5.96 -11.83
C LEU A 158 4.09 5.34 -13.00
N TYR A 159 4.09 4.02 -13.08
CA TYR A 159 4.75 3.33 -14.20
C TYR A 159 3.78 2.49 -15.01
N PRO A 160 3.68 2.78 -16.32
CA PRO A 160 2.84 2.01 -17.21
C PRO A 160 3.52 0.69 -17.54
N THR A 161 2.78 -0.42 -17.44
CA THR A 161 3.34 -1.72 -17.76
C THR A 161 2.38 -2.43 -18.69
N LYS A 162 2.87 -3.46 -19.38
CA LYS A 162 2.02 -4.29 -20.22
C LYS A 162 1.46 -5.48 -19.45
N ALA A 163 1.92 -5.67 -18.22
CA ALA A 163 1.53 -6.84 -17.41
C ALA A 163 1.94 -6.64 -15.94
N PRO A 164 1.18 -7.23 -15.00
CA PRO A 164 1.48 -7.06 -13.59
C PRO A 164 2.45 -8.14 -13.13
N SER A 165 3.67 -8.06 -13.63
CA SER A 165 4.67 -9.13 -13.51
C SER A 165 5.90 -8.65 -12.76
N THR A 166 6.60 -9.58 -12.11
CA THR A 166 7.85 -9.25 -11.43
C THR A 166 8.71 -8.50 -12.42
N SER A 167 8.90 -9.14 -13.58
CA SER A 167 9.60 -8.57 -14.70
C SER A 167 9.42 -7.06 -14.75
N ALA A 168 8.17 -6.62 -14.88
CA ALA A 168 7.87 -5.22 -15.12
C ALA A 168 8.07 -4.37 -13.88
N THR A 169 7.79 -4.96 -12.72
CA THR A 169 7.95 -4.27 -11.44
C THR A 169 9.41 -3.94 -11.21
N VAL A 170 10.27 -4.93 -11.44
CA VAL A 170 11.70 -4.75 -11.31
C VAL A 170 12.11 -3.67 -12.27
N LYS A 171 11.76 -3.85 -13.54
CA LYS A 171 12.06 -2.86 -14.57
C LYS A 171 11.74 -1.42 -14.16
N SER A 172 10.59 -1.23 -13.52
CA SER A 172 10.14 0.10 -13.11
C SER A 172 10.89 0.62 -11.90
N LEU A 173 11.02 -0.24 -10.89
CA LEU A 173 11.58 0.17 -9.60
C LEU A 173 13.07 0.47 -9.65
N ASN A 174 13.77 -0.14 -10.61
CA ASN A 174 15.18 0.20 -10.84
C ASN A 174 15.32 1.68 -11.20
N VAL A 175 14.39 2.17 -12.03
CA VAL A 175 14.38 3.58 -12.39
C VAL A 175 14.10 4.42 -11.17
N LEU A 176 13.16 3.95 -10.36
CA LEU A 176 12.77 4.71 -9.18
C LEU A 176 13.89 4.79 -8.16
N THR A 177 14.61 3.69 -7.95
CA THR A 177 15.63 3.67 -6.92
C THR A 177 16.92 4.42 -7.29
N SER A 178 17.14 4.66 -8.59
CA SER A 178 18.16 5.63 -9.04
C SER A 178 18.14 6.87 -8.16
N ILE A 179 16.94 7.33 -7.84
CA ILE A 179 16.80 8.51 -7.01
C ILE A 179 17.25 8.14 -5.60
N ALA A 180 16.49 7.26 -4.96
CA ALA A 180 16.74 6.91 -3.57
C ALA A 180 16.28 5.48 -3.32
N ILE A 181 16.68 4.94 -2.18
CA ILE A 181 16.33 3.56 -1.81
C ILE A 181 15.50 3.58 -0.53
N PRO A 182 14.35 2.88 -0.55
CA PRO A 182 13.46 2.77 0.63
C PRO A 182 13.94 1.71 1.63
N LYS A 183 13.68 1.94 2.91
CA LYS A 183 13.91 0.90 3.93
C LYS A 183 12.98 -0.28 3.65
N VAL A 184 11.68 0.02 3.54
CA VAL A 184 10.62 -0.99 3.43
C VAL A 184 9.71 -0.70 2.24
N ILE A 185 9.30 -1.77 1.56
CA ILE A 185 8.26 -1.70 0.53
C ILE A 185 7.09 -2.62 0.90
N HIS A 186 5.90 -2.04 1.07
CA HIS A 186 4.68 -2.78 1.46
C HIS A 186 3.83 -3.05 0.23
N SER A 187 3.25 -4.23 0.16
CA SER A 187 2.42 -4.56 -0.98
C SER A 187 1.41 -5.63 -0.62
N ASP A 188 0.43 -5.84 -1.49
CA ASP A 188 -0.49 -6.97 -1.34
C ASP A 188 0.14 -8.24 -1.90
N GLN A 189 -0.45 -9.38 -1.58
CA GLN A 189 0.17 -10.66 -1.90
C GLN A 189 -0.09 -11.01 -3.35
N GLY A 190 -0.14 -9.99 -4.20
CA GLY A 190 -0.24 -10.18 -5.64
C GLY A 190 0.98 -10.89 -6.17
N ALA A 191 0.76 -11.96 -6.93
CA ALA A 191 1.82 -12.83 -7.46
C ALA A 191 3.17 -12.13 -7.73
N ALA A 192 3.16 -11.14 -8.62
CA ALA A 192 4.35 -10.37 -8.95
C ALA A 192 5.14 -9.85 -7.75
N PHE A 193 4.47 -9.68 -6.61
CA PHE A 193 5.13 -9.17 -5.41
C PHE A 193 5.57 -10.26 -4.44
N THR A 194 4.91 -11.41 -4.48
CA THR A 194 5.29 -12.53 -3.62
C THR A 194 6.11 -13.54 -4.40
N SER A 195 6.88 -13.07 -5.37
CA SER A 195 7.71 -13.98 -6.14
C SER A 195 9.01 -14.12 -5.40
N SER A 196 9.81 -15.10 -5.81
CA SER A 196 11.15 -15.27 -5.26
C SER A 196 12.07 -14.26 -5.95
N THR A 197 11.93 -14.15 -7.27
CA THR A 197 12.67 -13.18 -8.08
C THR A 197 12.62 -11.76 -7.53
N PHE A 198 11.48 -11.40 -6.93
CA PHE A 198 11.30 -10.08 -6.36
C PHE A 198 11.94 -10.00 -4.98
N ALA A 199 11.79 -11.06 -4.20
CA ALA A 199 12.44 -11.12 -2.88
C ALA A 199 13.95 -10.99 -3.05
N GLU A 200 14.48 -11.65 -4.09
CA GLU A 200 15.86 -11.53 -4.53
C GLU A 200 16.20 -10.08 -4.76
N TRP A 201 15.56 -9.49 -5.75
CA TRP A 201 15.78 -8.10 -6.10
C TRP A 201 15.81 -7.20 -4.86
N ALA A 202 14.85 -7.39 -3.98
CA ALA A 202 14.75 -6.62 -2.74
C ALA A 202 15.94 -6.84 -1.81
N LYS A 203 16.35 -8.10 -1.67
CA LYS A 203 17.49 -8.51 -0.82
C LYS A 203 18.80 -7.89 -1.29
N GLU A 204 19.02 -7.88 -2.60
CA GLU A 204 20.23 -7.32 -3.19
C GLU A 204 20.43 -5.85 -2.88
N ARG A 205 19.36 -5.14 -2.57
CA ARG A 205 19.43 -3.69 -2.32
C ARG A 205 19.16 -3.39 -0.86
N GLY A 206 18.92 -4.45 -0.10
CA GLY A 206 18.70 -4.34 1.33
C GLY A 206 17.44 -3.58 1.63
N ILE A 207 16.35 -3.98 0.99
CA ILE A 207 15.04 -3.46 1.31
C ILE A 207 14.22 -4.58 1.94
N HIS A 208 13.59 -4.30 3.08
CA HIS A 208 12.70 -5.29 3.68
C HIS A 208 11.37 -5.31 2.92
N LEU A 209 10.94 -6.52 2.54
CA LEU A 209 9.60 -6.69 2.00
C LEU A 209 8.63 -6.98 3.11
N GLU A 210 7.56 -6.20 3.13
CA GLU A 210 6.48 -6.35 4.08
C GLU A 210 5.18 -6.53 3.29
N PHE A 211 4.41 -7.57 3.62
CA PHE A 211 3.20 -7.90 2.88
C PHE A 211 1.93 -7.74 3.70
N SER A 212 0.94 -7.09 3.10
CA SER A 212 -0.44 -7.07 3.59
C SER A 212 -0.98 -8.48 3.79
N THR A 213 -1.86 -8.61 4.77
CA THR A 213 -2.67 -9.81 4.95
C THR A 213 -3.49 -10.04 3.69
N PRO A 214 -3.83 -11.30 3.37
CA PRO A 214 -4.61 -11.62 2.17
C PRO A 214 -6.06 -11.13 2.19
N TYR A 215 -6.65 -10.94 1.01
CA TYR A 215 -8.02 -10.48 0.86
C TYR A 215 -8.32 -9.41 1.89
N HIS A 216 -7.54 -8.33 1.81
CA HIS A 216 -7.69 -7.23 2.72
C HIS A 216 -6.99 -6.03 2.16
N PRO A 217 -7.62 -5.35 1.19
CA PRO A 217 -6.99 -4.21 0.57
C PRO A 217 -6.84 -2.96 1.45
N GLN A 218 -7.53 -2.89 2.61
CA GLN A 218 -7.32 -1.76 3.55
C GLN A 218 -5.86 -1.62 3.95
N SER A 219 -5.18 -2.75 4.08
CA SER A 219 -3.79 -2.76 4.50
C SER A 219 -2.96 -1.92 3.55
N SER A 220 -3.14 -2.12 2.25
CA SER A 220 -2.45 -1.31 1.28
C SER A 220 -3.24 -0.01 1.02
N GLY A 221 -4.09 0.34 2.00
CA GLY A 221 -4.93 1.53 1.95
C GLY A 221 -4.29 2.73 1.27
N LYS A 222 -3.08 3.09 1.70
CA LYS A 222 -2.37 4.24 1.12
C LYS A 222 -2.34 4.20 -0.41
N VAL A 223 -1.93 3.07 -0.99
CA VAL A 223 -1.86 2.97 -2.43
C VAL A 223 -3.27 2.98 -2.98
N GLU A 224 -4.11 2.10 -2.44
CA GLU A 224 -5.46 1.96 -2.94
C GLU A 224 -6.13 3.32 -2.98
N ARG A 225 -6.00 4.08 -1.89
CA ARG A 225 -6.63 5.40 -1.82
C ARG A 225 -6.02 6.35 -2.85
N LYS A 226 -4.72 6.25 -3.05
CA LYS A 226 -4.08 7.02 -4.11
C LYS A 226 -4.61 6.57 -5.46
N ASN A 227 -4.87 5.28 -5.64
CA ASN A 227 -5.46 4.79 -6.90
C ASN A 227 -6.73 5.56 -7.28
N SER A 228 -7.64 5.69 -6.32
CA SER A 228 -8.86 6.42 -6.52
C SER A 228 -8.53 7.79 -7.10
N ASP A 229 -7.62 8.50 -6.44
CA ASP A 229 -7.27 9.82 -6.88
C ASP A 229 -6.72 9.80 -8.29
N ILE A 230 -5.97 8.75 -8.63
CA ILE A 230 -5.43 8.59 -9.98
C ILE A 230 -6.54 8.34 -11.00
N LYS A 231 -7.42 7.39 -10.73
CA LYS A 231 -8.56 7.12 -11.59
C LYS A 231 -9.49 8.33 -11.75
N ARG A 232 -9.84 8.96 -10.64
CA ARG A 232 -10.71 10.12 -10.68
C ARG A 232 -10.17 11.18 -11.64
N LEU A 233 -8.88 11.48 -11.58
CA LEU A 233 -8.32 12.52 -12.42
C LEU A 233 -8.25 12.04 -13.86
N LEU A 234 -7.78 10.81 -14.06
CA LEU A 234 -7.73 10.23 -15.39
C LEU A 234 -9.08 10.40 -16.04
N THR A 235 -10.14 9.98 -15.33
CA THR A 235 -11.49 10.01 -15.84
C THR A 235 -11.85 11.43 -16.27
N LYS A 236 -11.77 12.37 -15.34
CA LYS A 236 -12.06 13.77 -15.64
C LYS A 236 -11.36 14.24 -16.92
N LEU A 237 -10.09 13.90 -17.06
CA LEU A 237 -9.29 14.34 -18.18
C LEU A 237 -9.64 13.59 -19.47
N LEU A 238 -10.31 12.45 -19.35
CA LEU A 238 -10.70 11.69 -20.54
C LEU A 238 -12.19 11.83 -20.93
N VAL A 239 -12.90 12.78 -20.32
CA VAL A 239 -14.32 12.96 -20.59
C VAL A 239 -14.55 13.31 -22.06
N GLY A 240 -15.48 12.60 -22.69
CA GLY A 240 -15.84 12.82 -24.09
C GLY A 240 -14.67 12.64 -25.03
N ARG A 241 -13.75 11.73 -24.69
CA ARG A 241 -12.59 11.46 -25.51
C ARG A 241 -12.26 9.98 -25.35
N PRO A 242 -11.73 9.33 -26.41
CA PRO A 242 -11.33 7.93 -26.25
C PRO A 242 -10.38 7.76 -25.07
N THR A 243 -10.45 6.61 -24.42
CA THR A 243 -9.67 6.35 -23.20
C THR A 243 -8.21 6.00 -23.48
N LYS A 244 -7.42 6.98 -23.92
CA LYS A 244 -5.98 6.75 -24.11
C LYS A 244 -5.15 7.39 -23.00
N TRP A 245 -4.99 6.62 -21.93
CA TRP A 245 -4.47 7.12 -20.67
C TRP A 245 -2.95 7.17 -20.61
N TYR A 246 -2.29 6.37 -21.43
CA TYR A 246 -0.83 6.32 -21.42
C TYR A 246 -0.21 7.70 -21.36
N ASP A 247 -0.43 8.49 -22.41
CA ASP A 247 0.17 9.82 -22.53
C ASP A 247 -0.21 10.78 -21.41
N LEU A 248 -1.13 10.37 -20.55
CA LEU A 248 -1.61 11.20 -19.44
C LEU A 248 -1.00 10.91 -18.07
N LEU A 249 -0.50 9.70 -17.86
CA LEU A 249 0.09 9.37 -16.55
C LEU A 249 1.11 10.41 -16.10
N PRO A 250 2.10 10.75 -16.97
CA PRO A 250 3.02 11.85 -16.66
C PRO A 250 2.32 13.08 -16.09
N VAL A 251 1.19 13.49 -16.68
CA VAL A 251 0.48 14.69 -16.23
C VAL A 251 -0.20 14.48 -14.89
N VAL A 252 -0.87 13.33 -14.76
CA VAL A 252 -1.55 12.97 -13.52
C VAL A 252 -0.58 12.89 -12.34
N GLN A 253 0.57 12.26 -12.56
CA GLN A 253 1.62 12.21 -11.55
C GLN A 253 2.02 13.61 -11.07
N LEU A 254 2.46 14.47 -11.98
CA LEU A 254 2.85 15.82 -11.58
C LEU A 254 1.71 16.53 -10.87
N ALA A 255 0.52 16.44 -11.45
CA ALA A 255 -0.67 17.10 -10.93
C ALA A 255 -0.92 16.70 -9.49
N LEU A 256 -1.02 15.38 -9.28
CA LEU A 256 -1.39 14.82 -8.01
C LEU A 256 -0.34 15.01 -6.93
N ASN A 257 0.92 14.94 -7.31
CA ASN A 257 2.02 15.15 -6.39
C ASN A 257 2.05 16.57 -5.91
N ASN A 258 1.62 17.49 -6.78
CA ASN A 258 1.56 18.89 -6.45
C ASN A 258 0.19 19.42 -5.98
N THR A 259 -0.67 18.52 -5.49
CA THR A 259 -2.02 18.89 -5.00
C THR A 259 -2.25 18.85 -3.47
N TYR A 260 -2.55 20.02 -2.88
CA TYR A 260 -2.69 20.16 -1.42
C TYR A 260 -3.66 19.18 -0.79
N SER A 261 -3.23 18.52 0.29
CA SER A 261 -4.14 17.77 1.13
C SER A 261 -4.72 18.69 2.20
N PRO A 262 -6.03 18.95 2.13
CA PRO A 262 -6.67 19.92 3.02
C PRO A 262 -6.35 19.77 4.51
N VAL A 263 -6.38 18.54 5.04
CA VAL A 263 -6.08 18.35 6.47
C VAL A 263 -4.61 18.64 6.76
N LEU A 264 -3.74 18.34 5.82
CA LEU A 264 -2.33 18.55 6.09
C LEU A 264 -1.88 19.95 5.73
N LYS A 265 -2.61 20.61 4.85
CA LYS A 265 -2.20 21.90 4.27
C LYS A 265 -0.89 21.81 3.50
N TYR A 266 -0.56 20.63 2.98
CA TYR A 266 0.70 20.41 2.25
C TYR A 266 0.54 19.49 1.05
N THR A 267 1.41 19.68 0.06
CA THR A 267 1.45 18.82 -1.11
C THR A 267 2.57 17.79 -0.98
N PRO A 268 2.31 16.53 -1.37
CA PRO A 268 3.36 15.52 -1.40
C PRO A 268 4.71 16.04 -1.86
N HIS A 269 4.72 16.91 -2.86
CA HIS A 269 5.95 17.53 -3.33
C HIS A 269 6.63 18.32 -2.20
N GLN A 270 5.84 19.17 -1.54
CA GLN A 270 6.34 19.96 -0.43
C GLN A 270 6.91 19.08 0.65
N LEU A 271 6.12 18.11 1.10
CA LEU A 271 6.57 17.19 2.13
C LEU A 271 7.84 16.46 1.72
N LEU A 272 8.07 16.31 0.42
CA LEU A 272 9.27 15.64 -0.05
C LEU A 272 10.51 16.54 -0.14
N PHE A 273 10.29 17.80 -0.49
CA PHE A 273 11.37 18.72 -0.84
C PHE A 273 11.44 20.00 -0.03
N GLY A 274 10.29 20.48 0.45
CA GLY A 274 10.26 21.73 1.20
C GLY A 274 10.00 22.96 0.35
N ILE A 275 10.22 22.85 -0.96
CA ILE A 275 9.83 23.93 -1.88
C ILE A 275 9.27 23.38 -3.16
N ASP A 276 8.32 24.14 -3.71
CA ASP A 276 7.71 23.85 -4.99
C ASP A 276 8.75 24.02 -6.08
N SER A 277 8.61 23.25 -7.16
CA SER A 277 9.44 23.43 -8.35
C SER A 277 8.82 24.47 -9.27
N ASN A 278 9.07 24.38 -10.58
CA ASN A 278 8.46 25.33 -11.49
C ASN A 278 7.11 24.87 -12.02
N THR A 279 6.24 24.49 -11.10
CA THR A 279 4.88 24.15 -11.42
C THR A 279 4.03 25.40 -11.21
N PRO A 280 2.86 25.49 -11.86
CA PRO A 280 2.04 26.69 -11.71
C PRO A 280 1.45 26.85 -10.30
N PHE A 281 1.21 28.10 -9.92
CA PHE A 281 0.77 28.45 -8.57
C PHE A 281 1.77 27.97 -7.53
N ALA A 282 3.05 28.17 -7.86
CA ALA A 282 4.19 27.77 -7.05
C ALA A 282 4.18 28.55 -5.74
N ASN A 283 4.41 27.84 -4.65
CA ASN A 283 4.54 28.48 -3.34
C ASN A 283 5.91 29.10 -3.19
N GLN A 284 5.98 30.17 -2.41
CA GLN A 284 7.23 30.92 -2.30
C GLN A 284 7.34 31.67 -0.98
N ASP A 285 6.80 31.09 0.09
CA ASP A 285 6.93 31.69 1.41
C ASP A 285 8.37 31.58 1.89
N THR A 286 8.90 30.35 1.83
CA THR A 286 10.24 30.04 2.29
C THR A 286 11.30 30.56 1.31
N LEU A 287 10.93 31.60 0.56
CA LEU A 287 11.81 32.17 -0.47
C LEU A 287 12.96 32.96 0.13
N ASP A 288 12.70 33.63 1.25
CA ASP A 288 13.74 34.44 1.88
C ASP A 288 14.71 33.69 2.80
N LEU A 289 14.28 32.54 3.33
CA LEU A 289 15.16 31.68 4.12
C LEU A 289 16.27 31.08 3.27
N THR A 290 17.36 30.70 3.92
CA THR A 290 18.39 29.88 3.30
C THR A 290 17.87 28.45 3.18
N ARG A 291 18.49 27.65 2.33
CA ARG A 291 18.11 26.25 2.21
C ARG A 291 18.20 25.55 3.56
N GLU A 292 19.18 25.93 4.36
CA GLU A 292 19.37 25.35 5.70
C GLU A 292 18.20 25.68 6.63
N GLU A 293 17.78 26.94 6.66
CA GLU A 293 16.63 27.37 7.45
C GLU A 293 15.32 26.78 6.91
N GLU A 294 15.32 26.51 5.61
CA GLU A 294 14.19 25.90 4.91
C GLU A 294 14.06 24.41 5.26
N LEU A 295 15.16 23.69 5.18
CA LEU A 295 15.21 22.27 5.50
C LEU A 295 14.92 21.96 6.96
N SER A 296 15.19 22.90 7.87
CA SER A 296 14.87 22.67 9.28
C SER A 296 13.37 22.73 9.50
N LEU A 297 12.74 23.80 8.97
CA LEU A 297 11.29 23.99 9.01
C LEU A 297 10.53 22.76 8.51
N LEU A 298 11.08 22.11 7.49
CA LEU A 298 10.53 20.87 6.98
C LEU A 298 10.44 19.82 8.09
N GLN A 299 11.55 19.57 8.80
CA GLN A 299 11.60 18.58 9.88
C GLN A 299 10.50 18.84 10.89
N GLU A 300 10.21 20.12 11.08
CA GLU A 300 9.20 20.56 12.03
C GLU A 300 7.78 20.27 11.52
N ILE A 301 7.58 20.48 10.22
CA ILE A 301 6.31 20.15 9.58
C ILE A 301 6.07 18.64 9.65
N ARG A 302 7.08 17.88 9.24
CA ARG A 302 7.01 16.42 9.18
C ARG A 302 6.67 15.75 10.51
N THR A 303 6.95 16.44 11.61
CA THR A 303 6.69 15.89 12.95
C THR A 303 5.29 16.26 13.44
N SER A 304 4.87 17.47 13.14
CA SER A 304 3.58 18.00 13.57
C SER A 304 2.51 17.85 12.48
N LEU A 305 2.57 16.76 11.71
CA LEU A 305 1.50 16.48 10.78
C LEU A 305 0.33 15.89 11.53
N TYR A 306 -0.87 16.37 11.20
CA TYR A 306 -2.10 15.80 11.72
C TYR A 306 -2.10 14.29 11.59
N HIS A 307 -2.57 13.61 12.62
CA HIS A 307 -2.71 12.17 12.57
C HIS A 307 -4.01 11.74 13.26
N PRO A 308 -4.81 10.92 12.57
CA PRO A 308 -6.09 10.51 13.13
C PRO A 308 -5.93 9.47 14.24
N SER A 309 -6.87 9.45 15.18
CA SER A 309 -6.87 8.38 16.16
C SER A 309 -7.85 7.30 15.69
N THR A 310 -7.75 6.11 16.28
CA THR A 310 -8.66 5.03 15.96
C THR A 310 -10.09 5.42 16.40
N PRO A 311 -11.09 5.20 15.53
CA PRO A 311 -12.49 5.50 15.85
C PRO A 311 -13.04 4.58 16.93
N PRO A 312 -14.08 5.02 17.65
CA PRO A 312 -14.63 4.21 18.75
C PRO A 312 -15.22 2.86 18.29
N ALA A 313 -14.97 1.82 19.07
CA ALA A 313 -15.44 0.45 18.80
C ALA A 313 -16.96 0.37 18.67
N SER A 314 -17.41 -0.50 17.78
CA SER A 314 -18.83 -0.79 17.61
C SER A 314 -19.40 -1.46 18.87
N SER A 315 -20.67 -1.18 19.17
CA SER A 315 -21.35 -1.73 20.35
C SER A 315 -21.24 -3.25 20.45
N ARG A 316 -21.11 -3.90 19.30
CA ARG A 316 -21.18 -5.35 19.22
C ARG A 316 -20.01 -5.89 18.42
N SER A 317 -18.82 -5.37 18.69
CA SER A 317 -17.61 -5.89 18.07
C SER A 317 -17.01 -7.05 18.87
N TRP A 318 -15.76 -7.39 18.54
CA TRP A 318 -14.99 -8.40 19.25
C TRP A 318 -13.51 -8.18 18.98
N SER A 319 -12.66 -8.64 19.89
CA SER A 319 -11.23 -8.66 19.62
C SER A 319 -10.67 -10.06 19.87
N PRO A 320 -9.73 -10.48 19.02
CA PRO A 320 -9.19 -11.84 19.11
C PRO A 320 -8.37 -12.02 20.37
N VAL A 321 -8.49 -13.21 20.97
CA VAL A 321 -7.74 -13.61 22.16
C VAL A 321 -7.09 -14.93 21.80
N VAL A 322 -5.85 -15.14 22.23
CA VAL A 322 -5.16 -16.41 21.99
C VAL A 322 -5.98 -17.61 22.46
N GLY A 323 -5.99 -18.69 21.68
CA GLY A 323 -6.69 -19.91 22.02
C GLY A 323 -8.17 -19.93 21.68
N GLN A 324 -8.67 -18.76 21.25
CA GLN A 324 -10.05 -18.59 20.79
C GLN A 324 -10.34 -19.40 19.53
N LEU A 325 -11.55 -19.92 19.44
CA LEU A 325 -12.02 -20.58 18.22
C LEU A 325 -12.59 -19.53 17.26
N VAL A 326 -12.15 -19.63 16.00
CA VAL A 326 -12.23 -18.54 15.06
C VAL A 326 -12.22 -19.12 13.66
N GLN A 327 -13.08 -18.62 12.77
CA GLN A 327 -13.14 -19.14 11.40
C GLN A 327 -12.79 -18.12 10.33
N GLU A 328 -12.24 -18.64 9.24
CA GLU A 328 -11.73 -17.83 8.17
C GLU A 328 -12.71 -17.79 7.02
N ARG A 329 -13.00 -16.57 6.56
CA ARG A 329 -13.84 -16.34 5.39
C ARG A 329 -13.22 -17.06 4.21
N VAL A 330 -13.98 -17.99 3.63
CA VAL A 330 -13.58 -18.69 2.41
C VAL A 330 -13.27 -17.70 1.32
N ALA A 331 -12.06 -17.84 0.77
CA ALA A 331 -11.52 -16.98 -0.27
C ALA A 331 -12.53 -16.68 -1.36
N ARG A 332 -12.87 -17.71 -2.14
CA ARG A 332 -13.72 -17.52 -3.29
C ARG A 332 -14.70 -18.71 -3.42
N PRO A 333 -15.73 -18.72 -2.57
CA PRO A 333 -16.66 -19.85 -2.47
C PRO A 333 -17.42 -20.05 -3.76
N ALA A 334 -17.60 -21.29 -4.17
CA ALA A 334 -18.41 -21.57 -5.34
C ALA A 334 -19.89 -21.29 -4.99
N SER A 335 -20.74 -21.27 -6.01
CA SER A 335 -22.16 -21.06 -5.78
C SER A 335 -22.73 -22.21 -4.95
N LEU A 336 -23.60 -21.84 -4.00
CA LEU A 336 -24.23 -22.77 -3.05
C LEU A 336 -23.26 -23.53 -2.15
N ARG A 337 -22.08 -22.93 -1.92
CA ARG A 337 -21.06 -23.50 -1.05
C ARG A 337 -20.84 -22.55 0.11
N PRO A 338 -20.43 -23.09 1.27
CA PRO A 338 -20.37 -22.31 2.50
C PRO A 338 -19.27 -21.27 2.46
N ARG A 339 -19.50 -20.13 3.10
CA ARG A 339 -18.61 -18.99 3.00
C ARG A 339 -17.54 -18.93 4.12
N TRP A 340 -17.51 -19.96 4.98
CA TRP A 340 -16.57 -20.02 6.11
C TRP A 340 -15.87 -21.37 6.24
N HIS A 341 -14.59 -21.35 6.60
CA HIS A 341 -13.81 -22.59 6.79
C HIS A 341 -14.10 -23.24 8.14
N LYS A 342 -13.77 -24.52 8.25
CA LYS A 342 -13.89 -25.25 9.52
C LYS A 342 -13.12 -24.47 10.59
N PRO A 343 -13.66 -24.43 11.82
CA PRO A 343 -13.10 -23.58 12.89
C PRO A 343 -11.63 -23.84 13.22
N SER A 344 -10.90 -22.77 13.50
CA SER A 344 -9.46 -22.85 13.80
C SER A 344 -9.18 -22.17 15.14
N THR A 345 -7.89 -22.03 15.47
CA THR A 345 -7.50 -21.45 16.75
C THR A 345 -6.53 -20.30 16.56
N VAL A 346 -6.73 -19.25 17.36
CA VAL A 346 -5.80 -18.13 17.45
C VAL A 346 -4.52 -18.60 18.10
N LEU A 347 -3.39 -18.35 17.44
CA LEU A 347 -2.07 -18.68 17.97
C LEU A 347 -1.38 -17.42 18.48
N LYS A 348 -1.10 -16.48 17.58
CA LYS A 348 -0.55 -15.17 17.94
C LYS A 348 -1.59 -14.08 17.74
N VAL A 349 -1.53 -13.05 18.56
CA VAL A 349 -2.34 -11.86 18.36
C VAL A 349 -1.37 -10.72 18.10
N LEU A 350 -0.92 -10.61 16.85
CA LEU A 350 0.10 -9.62 16.42
C LEU A 350 -0.29 -8.20 16.75
N ASN A 351 -1.58 -7.90 16.66
CA ASN A 351 -2.17 -6.70 17.22
C ASN A 351 -3.67 -6.93 17.31
N PRO A 352 -4.43 -5.93 17.81
CA PRO A 352 -5.86 -6.17 18.04
C PRO A 352 -6.67 -6.47 16.76
N ARG A 353 -6.00 -6.42 15.61
CA ARG A 353 -6.67 -6.59 14.31
C ARG A 353 -6.00 -7.62 13.39
N THR A 354 -4.85 -8.12 13.79
CA THR A 354 -4.16 -9.12 13.00
C THR A 354 -3.88 -10.40 13.82
N VAL A 355 -3.96 -11.53 13.14
CA VAL A 355 -3.95 -12.79 13.84
C VAL A 355 -3.19 -13.84 13.04
N VAL A 356 -2.48 -14.70 13.75
CA VAL A 356 -1.90 -15.89 13.17
C VAL A 356 -2.79 -17.03 13.61
N ILE A 357 -3.36 -17.74 12.64
CA ILE A 357 -4.21 -18.87 12.96
C ILE A 357 -3.56 -20.13 12.47
N LEU A 358 -4.01 -21.24 13.03
CA LEU A 358 -3.69 -22.53 12.44
C LEU A 358 -4.60 -22.70 11.22
N ASP A 359 -4.03 -22.44 10.05
CA ASP A 359 -4.72 -22.60 8.77
C ASP A 359 -5.31 -24.00 8.61
N HIS A 360 -6.51 -24.06 8.05
CA HIS A 360 -7.26 -25.31 7.80
C HIS A 360 -6.55 -26.36 6.87
N LEU A 361 -5.29 -26.14 6.48
CA LEU A 361 -4.69 -26.98 5.41
C LEU A 361 -3.33 -27.73 5.64
N GLY A 362 -2.62 -27.56 6.76
CA GLY A 362 -2.94 -26.66 7.86
C GLY A 362 -1.68 -25.93 8.30
N ASN A 363 -1.56 -24.68 7.90
CA ASN A 363 -0.34 -23.88 8.11
C ASN A 363 -0.51 -22.74 9.11
N ASN A 364 0.50 -21.87 9.16
CA ASN A 364 0.40 -20.62 9.87
C ASN A 364 -0.05 -19.56 8.88
N ARG A 365 -1.27 -19.06 9.05
CA ARG A 365 -1.76 -17.97 8.22
C ARG A 365 -1.79 -16.72 9.06
N THR A 366 -1.17 -15.66 8.54
CA THR A 366 -1.37 -14.35 9.12
C THR A 366 -2.56 -13.75 8.39
N VAL A 367 -3.67 -13.58 9.11
CA VAL A 367 -4.92 -13.09 8.51
C VAL A 367 -5.44 -11.87 9.25
N SER A 368 -6.17 -11.02 8.53
CA SER A 368 -6.83 -9.85 9.13
C SER A 368 -8.08 -10.33 9.85
N ILE A 369 -8.53 -9.61 10.88
CA ILE A 369 -9.72 -10.08 11.60
C ILE A 369 -10.99 -9.87 10.80
N ASP A 370 -10.91 -8.97 9.81
CA ASP A 370 -11.99 -8.77 8.87
C ASP A 370 -12.40 -10.08 8.19
N ASN A 371 -11.42 -10.93 7.91
CA ASN A 371 -11.71 -12.21 7.31
C ASN A 371 -11.93 -13.28 8.36
N LEU A 372 -12.26 -12.84 9.57
CA LEU A 372 -12.54 -13.77 10.64
C LEU A 372 -13.87 -13.49 11.33
N LYS A 373 -14.51 -14.57 11.76
CA LYS A 373 -15.63 -14.47 12.67
C LYS A 373 -15.34 -15.33 13.90
N PRO A 374 -15.76 -14.88 15.09
CA PRO A 374 -15.62 -15.73 16.25
C PRO A 374 -16.62 -16.86 16.17
N THR A 375 -16.19 -18.07 16.48
CA THR A 375 -17.06 -19.23 16.42
C THR A 375 -18.08 -19.16 17.54
N SER A 376 -19.36 -19.34 17.17
CA SER A 376 -20.46 -19.28 18.14
C SER A 376 -20.50 -20.49 19.07
N HIS A 377 -20.85 -20.23 20.33
CA HIS A 377 -21.02 -21.28 21.36
C HIS A 377 -19.73 -22.08 21.67
N ASP B 119 20.84 38.01 -4.28
CA ASP B 119 19.48 38.56 -3.96
C ASP B 119 18.73 37.64 -2.98
N ARG B 120 18.07 36.61 -3.53
CA ARG B 120 17.38 35.58 -2.75
C ARG B 120 18.13 34.24 -2.90
N PRO B 121 18.58 33.65 -1.77
CA PRO B 121 19.44 32.46 -1.68
C PRO B 121 19.17 31.35 -2.71
N GLN B 122 20.25 30.81 -3.27
CA GLN B 122 20.21 29.62 -4.14
C GLN B 122 19.31 28.52 -3.55
N LYS B 123 18.52 27.87 -4.41
CA LYS B 123 17.62 26.80 -3.99
C LYS B 123 17.57 25.67 -5.01
N PRO B 124 16.99 24.51 -4.62
CA PRO B 124 16.77 23.45 -5.59
C PRO B 124 15.81 23.88 -6.71
N PHE B 125 15.88 23.23 -7.86
CA PHE B 125 15.00 23.52 -8.99
C PHE B 125 15.13 24.95 -9.52
N ASP B 126 16.06 25.73 -8.98
CA ASP B 126 16.31 27.07 -9.50
C ASP B 126 17.05 27.00 -10.81
N LYS B 127 17.93 26.02 -10.97
CA LYS B 127 18.65 25.85 -12.23
C LYS B 127 19.11 24.41 -12.38
N PHE B 128 18.81 23.82 -13.52
CA PHE B 128 19.30 22.49 -13.86
C PHE B 128 20.37 22.60 -14.93
N PHE B 129 21.52 21.96 -14.70
CA PHE B 129 22.61 22.02 -15.65
C PHE B 129 22.67 20.72 -16.42
N ILE B 130 22.62 20.83 -17.73
CA ILE B 130 22.58 19.66 -18.57
C ILE B 130 23.72 19.71 -19.57
N ASP B 131 24.19 18.51 -19.94
CA ASP B 131 25.16 18.32 -21.03
C ASP B 131 25.13 16.83 -21.37
N TYR B 132 25.72 16.47 -22.49
CA TYR B 132 25.82 15.08 -22.88
C TYR B 132 27.24 14.58 -22.69
N ILE B 133 27.36 13.27 -22.51
CA ILE B 133 28.64 12.59 -22.37
C ILE B 133 28.64 11.35 -23.29
N GLY B 134 29.57 11.34 -24.24
CA GLY B 134 29.69 10.26 -25.20
C GLY B 134 30.30 10.71 -26.53
N PRO B 135 30.41 9.78 -27.50
CA PRO B 135 29.89 8.41 -27.42
C PRO B 135 30.75 7.49 -26.53
N LEU B 136 30.12 6.44 -26.01
CA LEU B 136 30.80 5.46 -25.17
C LEU B 136 30.66 4.12 -25.87
N PRO B 137 31.30 3.06 -25.31
CA PRO B 137 31.02 1.71 -25.78
C PRO B 137 29.52 1.39 -25.76
N PRO B 138 28.98 0.83 -26.86
CA PRO B 138 27.57 0.43 -26.99
C PRO B 138 27.04 -0.48 -25.87
N SER B 139 26.70 0.11 -24.72
CA SER B 139 26.18 -0.65 -23.57
C SER B 139 24.72 -1.04 -23.76
N GLN B 140 24.52 -2.27 -24.22
CA GLN B 140 23.20 -2.80 -24.54
C GLN B 140 22.41 -1.92 -25.51
N GLY B 141 23.13 -1.16 -26.33
CA GLY B 141 22.52 -0.32 -27.35
C GLY B 141 22.58 1.17 -27.07
N TYR B 142 23.04 1.55 -25.88
CA TYR B 142 23.06 2.96 -25.46
C TYR B 142 24.45 3.57 -25.55
N LEU B 143 24.55 4.63 -26.33
CA LEU B 143 25.84 5.23 -26.68
C LEU B 143 26.19 6.44 -25.85
N TYR B 144 25.17 7.13 -25.33
CA TYR B 144 25.38 8.41 -24.65
C TYR B 144 24.73 8.46 -23.29
N VAL B 145 25.00 9.55 -22.56
CA VAL B 145 24.36 9.79 -21.28
C VAL B 145 24.05 11.27 -21.11
N LEU B 146 22.82 11.57 -20.72
CA LEU B 146 22.44 12.93 -20.43
C LEU B 146 22.62 13.19 -18.95
N VAL B 147 23.53 14.10 -18.65
CA VAL B 147 23.81 14.51 -17.30
C VAL B 147 22.90 15.67 -16.97
N VAL B 148 22.12 15.52 -15.92
CA VAL B 148 21.36 16.64 -15.36
C VAL B 148 21.79 16.81 -13.92
N VAL B 149 22.11 18.04 -13.54
CA VAL B 149 22.61 18.32 -12.20
C VAL B 149 21.91 19.55 -11.64
N ASP B 150 21.29 19.40 -10.47
CA ASP B 150 20.69 20.55 -9.80
C ASP B 150 21.78 21.49 -9.31
N GLY B 151 21.67 22.75 -9.71
CA GLY B 151 22.68 23.76 -9.42
C GLY B 151 23.05 24.00 -7.97
N MET B 152 22.11 23.75 -7.05
CA MET B 152 22.29 24.13 -5.65
C MET B 152 22.51 22.95 -4.71
N THR B 153 21.82 21.84 -4.98
CA THR B 153 22.04 20.61 -4.21
C THR B 153 23.15 19.78 -4.84
N GLY B 154 23.43 20.04 -6.11
CA GLY B 154 24.36 19.20 -6.85
C GLY B 154 23.76 17.86 -7.21
N PHE B 155 22.49 17.65 -6.85
CA PHE B 155 21.83 16.39 -7.16
C PHE B 155 21.93 16.04 -8.64
N THR B 156 22.09 14.76 -8.93
CA THR B 156 22.35 14.34 -10.30
C THR B 156 21.41 13.25 -10.77
N TRP B 157 20.87 13.47 -11.97
CA TRP B 157 20.06 12.48 -12.67
C TRP B 157 20.83 12.05 -13.90
N LEU B 158 20.84 10.74 -14.17
CA LEU B 158 21.55 10.21 -15.34
C LEU B 158 20.68 9.37 -16.25
N TYR B 159 20.51 9.86 -17.48
CA TYR B 159 19.63 9.20 -18.43
C TYR B 159 20.45 8.71 -19.61
N PRO B 160 20.51 7.39 -19.79
CA PRO B 160 21.19 6.82 -20.94
C PRO B 160 20.35 7.06 -22.18
N THR B 161 20.99 7.53 -23.24
CA THR B 161 20.32 7.82 -24.51
C THR B 161 21.11 7.18 -25.65
N LYS B 162 20.47 7.07 -26.82
CA LYS B 162 21.14 6.50 -27.99
C LYS B 162 21.76 7.56 -28.90
N ALA B 163 21.47 8.84 -28.65
CA ALA B 163 22.02 9.95 -29.45
C ALA B 163 21.92 11.28 -28.68
N PRO B 164 22.83 12.23 -28.97
CA PRO B 164 22.74 13.52 -28.31
C PRO B 164 21.78 14.41 -29.09
N SER B 165 20.60 13.87 -29.34
CA SER B 165 19.56 14.52 -30.12
C SER B 165 18.50 15.14 -29.25
N THR B 166 17.87 16.20 -29.77
CA THR B 166 16.75 16.85 -29.13
C THR B 166 15.70 15.79 -28.82
N SER B 167 15.40 14.98 -29.83
CA SER B 167 14.49 13.86 -29.74
C SER B 167 14.57 13.08 -28.43
N ALA B 168 15.78 12.64 -28.06
CA ALA B 168 15.96 11.85 -26.83
C ALA B 168 16.22 12.69 -25.56
N THR B 169 16.67 13.93 -25.74
CA THR B 169 16.77 14.88 -24.64
C THR B 169 15.37 15.13 -24.07
N VAL B 170 14.39 15.11 -24.97
CA VAL B 170 12.98 15.24 -24.60
C VAL B 170 12.45 13.97 -23.92
N LYS B 171 12.65 12.80 -24.54
CA LYS B 171 12.19 11.55 -23.93
C LYS B 171 12.56 11.54 -22.45
N SER B 172 13.83 11.80 -22.17
CA SER B 172 14.41 11.71 -20.83
C SER B 172 13.98 12.83 -19.87
N LEU B 173 14.02 14.07 -20.35
CA LEU B 173 13.67 15.21 -19.51
C LEU B 173 12.17 15.26 -19.23
N ASN B 174 11.39 14.48 -19.98
CA ASN B 174 9.97 14.33 -19.68
C ASN B 174 9.75 13.58 -18.38
N VAL B 175 10.46 12.45 -18.26
CA VAL B 175 10.48 11.68 -17.03
C VAL B 175 10.86 12.59 -15.88
N LEU B 176 11.96 13.31 -16.03
CA LEU B 176 12.42 14.15 -14.95
C LEU B 176 11.41 15.23 -14.61
N THR B 177 10.89 15.90 -15.63
CA THR B 177 9.95 16.99 -15.38
C THR B 177 8.56 16.50 -14.97
N SER B 178 8.38 15.17 -14.95
CA SER B 178 7.18 14.59 -14.36
C SER B 178 7.35 14.46 -12.84
N ILE B 179 8.60 14.52 -12.39
CA ILE B 179 8.90 14.56 -10.95
C ILE B 179 8.87 16.00 -10.46
N ALA B 180 9.87 16.77 -10.86
CA ALA B 180 9.90 18.20 -10.51
C ALA B 180 10.48 19.02 -11.66
N ILE B 181 10.16 20.31 -11.69
CA ILE B 181 10.46 21.14 -12.84
C ILE B 181 11.34 22.33 -12.49
N PRO B 182 12.48 22.46 -13.16
CA PRO B 182 13.39 23.56 -12.86
C PRO B 182 12.84 24.89 -13.35
N LYS B 183 13.28 25.98 -12.77
CA LYS B 183 12.97 27.28 -13.32
C LYS B 183 13.76 27.47 -14.59
N VAL B 184 15.04 27.16 -14.53
CA VAL B 184 15.97 27.42 -15.63
C VAL B 184 16.70 26.15 -16.02
N ILE B 185 16.92 25.97 -17.32
CA ILE B 185 17.91 25.00 -17.76
C ILE B 185 19.14 25.72 -18.33
N HIS B 186 20.32 25.34 -17.83
CA HIS B 186 21.60 25.84 -18.33
C HIS B 186 22.30 24.75 -19.11
N SER B 187 22.83 25.09 -20.27
CA SER B 187 23.51 24.12 -21.10
C SER B 187 24.53 24.78 -22.03
N ASP B 188 25.33 23.96 -22.70
CA ASP B 188 26.18 24.36 -23.82
C ASP B 188 25.32 24.55 -25.06
N GLN B 189 25.93 25.05 -26.13
CA GLN B 189 25.22 25.31 -27.36
C GLN B 189 25.24 24.10 -28.29
N GLY B 190 25.16 22.93 -27.69
CA GLY B 190 25.07 21.69 -28.45
C GLY B 190 23.79 21.64 -29.23
N ALA B 191 23.80 20.91 -30.35
CA ALA B 191 22.65 20.79 -31.23
C ALA B 191 21.36 20.54 -30.46
N ALA B 192 21.34 19.46 -29.69
CA ALA B 192 20.17 19.02 -28.96
C ALA B 192 19.55 20.13 -28.10
N PHE B 193 20.37 21.08 -27.69
CA PHE B 193 19.90 22.11 -26.75
C PHE B 193 19.50 23.42 -27.42
N THR B 194 20.04 23.70 -28.60
CA THR B 194 19.76 24.96 -29.28
C THR B 194 18.70 24.84 -30.38
N SER B 195 18.11 23.66 -30.53
CA SER B 195 17.09 23.43 -31.54
C SER B 195 15.80 24.17 -31.24
N SER B 196 14.93 24.23 -32.24
CA SER B 196 13.58 24.80 -32.13
C SER B 196 12.75 23.93 -31.20
N THR B 197 12.61 22.66 -31.58
CA THR B 197 11.84 21.72 -30.79
C THR B 197 12.13 21.90 -29.31
N PHE B 198 13.41 21.92 -28.94
CA PHE B 198 13.77 22.00 -27.54
C PHE B 198 13.41 23.36 -26.97
N ALA B 199 13.50 24.40 -27.80
CA ALA B 199 13.11 25.73 -27.37
C ALA B 199 11.61 25.76 -27.08
N GLU B 200 10.86 25.07 -27.94
CA GLU B 200 9.40 25.02 -27.85
C GLU B 200 8.97 24.14 -26.68
N TRP B 201 9.71 23.06 -26.43
CA TRP B 201 9.47 22.17 -25.29
C TRP B 201 9.69 22.89 -23.97
N ALA B 202 10.75 23.69 -23.91
CA ALA B 202 11.07 24.46 -22.71
C ALA B 202 9.98 25.47 -22.39
N LYS B 203 9.52 26.19 -23.42
CA LYS B 203 8.54 27.24 -23.26
C LYS B 203 7.17 26.69 -22.88
N GLU B 204 6.79 25.53 -23.42
CA GLU B 204 5.53 24.88 -23.05
C GLU B 204 5.35 24.74 -21.53
N ARG B 205 6.48 24.56 -20.84
CA ARG B 205 6.50 24.31 -19.39
C ARG B 205 7.01 25.50 -18.58
N GLY B 206 7.27 26.62 -19.25
CA GLY B 206 7.74 27.82 -18.57
C GLY B 206 9.15 27.69 -18.02
N ILE B 207 9.98 26.86 -18.67
CA ILE B 207 11.39 26.71 -18.31
C ILE B 207 12.21 27.66 -19.14
N HIS B 208 12.96 28.54 -18.48
CA HIS B 208 13.85 29.47 -19.18
C HIS B 208 15.13 28.76 -19.59
N LEU B 209 15.52 28.94 -20.84
CA LEU B 209 16.77 28.39 -21.34
C LEU B 209 17.91 29.40 -21.28
N GLU B 210 19.00 28.97 -20.66
CA GLU B 210 20.19 29.79 -20.49
C GLU B 210 21.32 29.04 -21.15
N PHE B 211 22.12 29.76 -21.93
CA PHE B 211 23.20 29.14 -22.68
C PHE B 211 24.56 29.72 -22.31
N SER B 212 25.54 28.83 -22.10
CA SER B 212 26.93 29.22 -21.94
C SER B 212 27.40 29.69 -23.30
N THR B 213 28.23 30.74 -23.32
CA THR B 213 28.81 31.24 -24.55
C THR B 213 29.71 30.15 -25.17
N PRO B 214 29.62 29.97 -26.50
CA PRO B 214 30.31 28.83 -27.13
C PRO B 214 31.80 28.78 -26.82
N TYR B 215 32.31 27.56 -26.65
CA TYR B 215 33.74 27.28 -26.45
C TYR B 215 34.31 27.58 -25.05
N HIS B 216 33.78 28.62 -24.40
CA HIS B 216 34.14 28.95 -23.03
C HIS B 216 33.04 28.48 -22.05
N PRO B 217 33.13 27.22 -21.55
CA PRO B 217 32.04 26.65 -20.75
C PRO B 217 31.99 27.21 -19.33
N GLN B 218 30.79 27.22 -18.75
CA GLN B 218 30.56 27.82 -17.43
C GLN B 218 29.43 27.15 -16.65
N SER B 219 29.56 27.20 -15.32
CA SER B 219 28.54 26.73 -14.38
C SER B 219 28.76 27.56 -13.13
N SER B 220 28.63 26.92 -11.96
CA SER B 220 29.17 27.45 -10.70
C SER B 220 30.39 26.60 -10.32
N GLY B 221 31.01 26.91 -9.18
CA GLY B 221 32.07 26.04 -8.66
C GLY B 221 31.53 24.62 -8.52
N LYS B 222 30.49 24.49 -7.71
CA LYS B 222 29.87 23.20 -7.36
C LYS B 222 29.57 22.28 -8.55
N VAL B 223 28.92 22.84 -9.57
CA VAL B 223 28.48 22.06 -10.71
C VAL B 223 29.69 21.55 -11.48
N GLU B 224 30.68 22.42 -11.66
CA GLU B 224 31.91 22.11 -12.40
C GLU B 224 32.61 20.90 -11.81
N ARG B 225 32.71 20.88 -10.48
CA ARG B 225 33.27 19.76 -9.73
C ARG B 225 32.45 18.48 -9.88
N LYS B 226 31.14 18.55 -9.62
CA LYS B 226 30.25 17.41 -9.78
C LYS B 226 30.31 16.81 -11.21
N ASN B 227 30.33 17.68 -12.22
CA ASN B 227 30.44 17.25 -13.62
C ASN B 227 31.77 16.57 -13.91
N SER B 228 32.77 16.93 -13.12
CA SER B 228 34.08 16.28 -13.19
C SER B 228 33.96 14.86 -12.63
N ASP B 229 33.51 14.77 -11.37
CA ASP B 229 33.29 13.49 -10.68
C ASP B 229 32.54 12.50 -11.57
N ILE B 230 31.37 12.90 -12.06
CA ILE B 230 30.58 12.06 -12.96
C ILE B 230 31.46 11.57 -14.08
N LYS B 231 32.15 12.49 -14.76
CA LYS B 231 32.99 12.13 -15.89
C LYS B 231 34.02 11.07 -15.50
N ARG B 232 34.71 11.26 -14.37
CA ARG B 232 35.71 10.30 -13.91
C ARG B 232 35.10 9.03 -13.32
N LEU B 233 34.24 9.16 -12.30
CA LEU B 233 33.47 8.03 -11.76
C LEU B 233 32.82 7.19 -12.86
N LEU B 234 32.43 7.85 -13.95
CA LEU B 234 31.92 7.15 -15.11
C LEU B 234 33.04 6.41 -15.81
N THR B 235 34.15 7.11 -16.06
CA THR B 235 35.27 6.53 -16.82
C THR B 235 35.93 5.36 -16.09
N LYS B 236 36.04 5.46 -14.76
CA LYS B 236 36.64 4.37 -13.97
C LYS B 236 35.78 3.12 -14.03
N LEU B 237 34.52 3.23 -13.63
CA LEU B 237 33.58 2.11 -13.74
C LEU B 237 33.09 1.98 -15.19
N LEU B 238 34.05 2.10 -16.10
CA LEU B 238 33.89 1.93 -17.54
C LEU B 238 34.98 1.00 -18.06
N VAL B 239 36.19 1.16 -17.52
CA VAL B 239 37.32 0.31 -17.87
C VAL B 239 37.49 -0.87 -16.91
N GLY B 240 37.20 -0.64 -15.62
CA GLY B 240 37.14 -1.70 -14.61
C GLY B 240 36.01 -2.70 -14.87
N ARG B 241 34.80 -2.18 -15.13
CA ARG B 241 33.65 -2.99 -15.58
C ARG B 241 33.26 -2.50 -16.99
N PRO B 242 33.65 -3.27 -18.03
CA PRO B 242 33.99 -2.77 -19.37
C PRO B 242 32.82 -2.21 -20.18
N THR B 243 32.25 -3.03 -21.07
CA THR B 243 31.21 -2.60 -22.01
C THR B 243 29.78 -2.82 -21.48
N LYS B 244 29.64 -2.89 -20.16
CA LYS B 244 28.36 -3.20 -19.52
C LYS B 244 27.89 -2.09 -18.58
N TRP B 245 28.23 -0.84 -18.91
CA TRP B 245 27.95 0.33 -18.05
C TRP B 245 26.48 0.68 -17.87
N TYR B 246 25.63 0.34 -18.83
CA TYR B 246 24.21 0.64 -18.76
C TYR B 246 23.63 0.35 -17.38
N ASP B 247 23.69 -0.93 -17.00
CA ASP B 247 23.10 -1.40 -15.75
C ASP B 247 23.62 -0.74 -14.49
N LEU B 248 24.82 -0.16 -14.58
CA LEU B 248 25.49 0.38 -13.41
C LEU B 248 25.16 1.85 -13.16
N LEU B 249 24.62 2.52 -14.17
CA LEU B 249 24.21 3.92 -14.07
C LEU B 249 23.39 4.25 -12.82
N PRO B 250 22.39 3.41 -12.48
CA PRO B 250 21.67 3.64 -11.24
C PRO B 250 22.57 3.74 -10.01
N VAL B 251 23.68 2.99 -9.98
CA VAL B 251 24.56 3.01 -8.80
C VAL B 251 25.41 4.27 -8.77
N VAL B 252 26.02 4.58 -9.91
CA VAL B 252 26.78 5.80 -10.08
C VAL B 252 25.95 6.97 -9.56
N GLN B 253 24.66 6.97 -9.92
CA GLN B 253 23.74 8.01 -9.55
C GLN B 253 23.56 8.12 -8.03
N LEU B 254 23.30 6.99 -7.38
CA LEU B 254 23.18 6.94 -5.92
C LEU B 254 24.48 7.39 -5.27
N ALA B 255 25.58 6.84 -5.77
CA ALA B 255 26.93 7.21 -5.34
C ALA B 255 27.08 8.72 -5.37
N LEU B 256 26.91 9.30 -6.55
CA LEU B 256 27.05 10.73 -6.75
C LEU B 256 26.21 11.53 -5.77
N ASN B 257 24.97 11.10 -5.58
CA ASN B 257 24.05 11.86 -4.76
C ASN B 257 24.27 11.65 -3.27
N ASN B 258 25.02 10.60 -2.94
CA ASN B 258 25.38 10.32 -1.55
C ASN B 258 26.80 10.74 -1.14
N THR B 259 27.61 11.14 -2.12
CA THR B 259 28.89 11.83 -1.93
C THR B 259 28.75 13.02 -0.96
N TYR B 260 29.80 13.28 -0.19
CA TYR B 260 29.85 14.42 0.70
C TYR B 260 30.40 15.64 -0.03
N SER B 261 29.71 16.77 0.12
CA SER B 261 30.19 18.05 -0.42
C SER B 261 31.24 18.66 0.50
N PRO B 262 32.49 18.83 0.00
CA PRO B 262 33.50 19.57 0.75
C PRO B 262 32.98 20.90 1.29
N VAL B 263 32.60 21.81 0.38
CA VAL B 263 32.14 23.17 0.75
C VAL B 263 30.97 23.14 1.74
N LEU B 264 29.86 22.52 1.34
CA LEU B 264 28.75 22.35 2.27
C LEU B 264 28.93 21.06 3.05
N LYS B 265 28.53 21.09 4.31
CA LYS B 265 28.72 19.96 5.21
C LYS B 265 27.76 18.78 4.95
N TYR B 266 27.04 18.81 3.82
CA TYR B 266 25.96 17.83 3.55
C TYR B 266 26.11 17.09 2.22
N THR B 267 25.28 16.06 2.03
CA THR B 267 25.23 15.31 0.78
C THR B 267 24.10 15.86 -0.12
N PRO B 268 24.24 15.73 -1.45
CA PRO B 268 23.16 16.12 -2.38
C PRO B 268 21.80 15.52 -1.99
N HIS B 269 21.77 14.24 -1.64
CA HIS B 269 20.60 13.59 -1.11
C HIS B 269 20.07 14.40 0.06
N GLN B 270 20.91 14.56 1.09
CA GLN B 270 20.53 15.32 2.30
C GLN B 270 19.97 16.69 2.02
N LEU B 271 20.57 17.40 1.07
CA LEU B 271 20.19 18.77 0.77
C LEU B 271 18.83 18.81 0.08
N LEU B 272 18.59 17.83 -0.79
CA LEU B 272 17.37 17.76 -1.57
C LEU B 272 16.18 17.26 -0.76
N PHE B 273 16.35 16.10 -0.14
CA PHE B 273 15.31 15.45 0.64
C PHE B 273 15.26 15.83 2.11
N GLY B 274 16.36 16.39 2.62
CA GLY B 274 16.42 16.94 3.98
C GLY B 274 16.57 15.92 5.09
N ILE B 275 17.01 14.72 4.71
CA ILE B 275 17.09 13.61 5.63
C ILE B 275 18.23 12.71 5.23
N ASP B 276 18.78 11.98 6.21
CA ASP B 276 19.81 10.99 5.94
C ASP B 276 19.32 9.97 4.94
N SER B 277 20.16 9.70 3.94
CA SER B 277 19.90 8.65 2.97
C SER B 277 19.94 7.28 3.64
N ASN B 278 19.20 6.33 3.07
CA ASN B 278 19.25 4.96 3.57
C ASN B 278 20.31 4.12 2.88
N THR B 279 21.10 4.78 2.04
CA THR B 279 22.31 4.18 1.44
C THR B 279 23.50 5.17 1.42
N PRO B 280 24.23 5.30 2.55
CA PRO B 280 25.34 6.28 2.63
C PRO B 280 26.61 5.75 1.96
N PHE B 281 27.40 6.68 1.41
CA PHE B 281 28.57 6.31 0.60
C PHE B 281 29.84 7.07 1.00
#